data_6IAB
#
_entry.id   6IAB
#
_cell.length_a   100.733
_cell.length_b   100.733
_cell.length_c   125.462
_cell.angle_alpha   90.00
_cell.angle_beta   90.00
_cell.angle_gamma   120.00
#
_symmetry.space_group_name_H-M   'H 3'
#
loop_
_entity.id
_entity.type
_entity.pdbx_description
1 polymer 'Tail Fiber of phage P68'
2 water water
#
_entity_poly.entity_id   1
_entity_poly.type   'polypeptide(L)'
_entity_poly.pdbx_seq_one_letter_code
;HHHHHHMAYNENDFKYFDDIRPFLDEIYKTRERYTPFYDDRADYNTNSKSYYDYISRLSKLIEVLARRIWDYDNELKKRF
KNWDDLMKAFPEQAKDLFRGWLNDGTIDSIIHDEFKKYSAGLTSAFALFKVTEMKQMNDFKSEVKDLIKDIDRFVNGFEL
NELEPKFVMGFGGIRNAVNQSINIDKETNHMYSTQSDSQKPEGFWINKLTPSGDLISSMRIVQGGHGTTIGLERQSNGEM
KIWLHHDGVAKLLQVAYKDNYVLDLEEAKGLTDYTPQSLLNKHTFTPLIDEANDKLILRFGDGTIQVRSRADVKNHIDNV
EKEMTIDNSENNDNRWMQGIAVDGDDLYWLSGNSSVNSHVQIGKYSLTTGQKIYDYPFKLSYQDGINFPRDNFKEPEGIC
IYTNPKTKRKSLLLAMTNGGGGKRFHNLYGFFQLGEYEHFEALRARGSQNYKLTKDDGRALSIPDHIDDLNDLTQAGFYY
IDGGTAEKLKNMPMNGSKRIIDAGCFINVYPTTQTLGTVQELTRFSTGRKMVKMVRGMTLDVFTLKWDYGLWTTIKTDAP
YQEYLEASQYNNWIAYVTTAGEYYITGNQMELFRDAPEEIKKVGAWLRVSSGNAVGEVRQTLEANISEYKEFFSNVNAET
KHREYGWVAKHQK
;
_entity_poly.pdbx_strand_id   A
#
# COMPACT_ATOMS: atom_id res chain seq x y z
N LYS A 145 39.01 -13.89 -29.62
CA LYS A 145 37.83 -13.95 -30.46
C LYS A 145 36.59 -14.33 -29.66
N ASP A 146 36.68 -15.45 -28.93
CA ASP A 146 35.51 -15.96 -28.23
C ASP A 146 35.23 -15.17 -26.96
N LEU A 147 36.28 -14.76 -26.23
CA LEU A 147 36.07 -14.01 -25.00
C LEU A 147 35.32 -12.72 -25.25
N ILE A 148 35.52 -12.10 -26.42
CA ILE A 148 34.78 -10.89 -26.75
C ILE A 148 33.34 -11.21 -27.14
N LYS A 149 33.14 -12.29 -27.91
CA LYS A 149 31.79 -12.70 -28.27
C LYS A 149 31.00 -13.15 -27.04
N ASP A 150 31.67 -13.49 -25.95
CA ASP A 150 30.97 -13.79 -24.70
C ASP A 150 30.64 -12.51 -23.94
N ILE A 151 31.60 -11.57 -23.87
CA ILE A 151 31.37 -10.33 -23.15
C ILE A 151 30.29 -9.50 -23.86
N ASP A 152 30.36 -9.42 -25.19
CA ASP A 152 29.36 -8.63 -25.93
C ASP A 152 27.97 -9.20 -25.75
N ARG A 153 27.84 -10.53 -25.77
CA ARG A 153 26.55 -11.14 -25.52
C ARG A 153 26.02 -10.78 -24.14
N PHE A 154 26.87 -10.88 -23.12
CA PHE A 154 26.44 -10.60 -21.76
C PHE A 154 26.13 -9.12 -21.57
N VAL A 155 26.92 -8.25 -22.20
CA VAL A 155 26.77 -6.81 -21.99
C VAL A 155 25.68 -6.23 -22.90
N ASN A 156 25.67 -6.63 -24.17
CA ASN A 156 24.79 -6.01 -25.16
C ASN A 156 23.70 -6.93 -25.68
N GLY A 157 23.61 -8.16 -25.18
CA GLY A 157 22.61 -9.09 -25.66
C GLY A 157 21.25 -8.80 -25.07
N PHE A 158 20.21 -9.07 -25.87
CA PHE A 158 18.83 -9.01 -25.42
C PHE A 158 18.06 -10.18 -26.03
N GLU A 159 18.55 -11.39 -25.76
CA GLU A 159 17.86 -12.62 -26.15
C GLU A 159 17.00 -13.06 -24.96
N LEU A 160 15.68 -13.11 -25.18
CA LEU A 160 14.76 -13.27 -24.07
C LEU A 160 15.08 -14.52 -23.25
N ASN A 161 15.20 -15.68 -23.91
CA ASN A 161 15.36 -16.92 -23.17
C ASN A 161 16.70 -17.04 -22.47
N GLU A 162 17.58 -16.04 -22.58
CA GLU A 162 18.82 -15.99 -21.83
C GLU A 162 18.76 -15.03 -20.66
N LEU A 163 17.63 -14.37 -20.43
CA LEU A 163 17.50 -13.35 -19.40
C LEU A 163 16.71 -13.89 -18.21
N GLU A 164 17.06 -13.41 -17.04
CA GLU A 164 16.43 -13.80 -15.78
C GLU A 164 15.25 -12.89 -15.47
N PRO A 165 14.08 -13.43 -15.15
CA PRO A 165 12.97 -12.56 -14.73
C PRO A 165 13.16 -12.09 -13.29
N LYS A 166 12.96 -10.80 -13.07
CA LYS A 166 13.16 -10.20 -11.76
C LYS A 166 11.94 -9.35 -11.40
N PHE A 167 11.52 -9.44 -10.14
CA PHE A 167 10.47 -8.57 -9.64
C PHE A 167 10.90 -7.11 -9.73
N VAL A 168 9.98 -6.25 -10.17
CA VAL A 168 10.25 -4.82 -10.32
C VAL A 168 9.52 -4.03 -9.25
N MET A 169 8.19 -4.06 -9.26
CA MET A 169 7.38 -3.30 -8.32
C MET A 169 5.94 -3.78 -8.42
N GLY A 170 5.16 -3.49 -7.38
CA GLY A 170 3.73 -3.65 -7.46
C GLY A 170 3.07 -2.40 -8.04
N PHE A 171 1.83 -2.56 -8.48
CA PHE A 171 1.08 -1.42 -9.01
C PHE A 171 -0.41 -1.65 -8.77
N GLY A 172 -1.15 -0.56 -8.80
CA GLY A 172 -2.54 -0.55 -8.39
C GLY A 172 -3.51 -0.57 -9.54
N GLY A 173 -4.67 0.02 -9.32
CA GLY A 173 -5.79 0.00 -10.25
C GLY A 173 -7.06 0.21 -9.45
N ILE A 174 -8.04 0.86 -10.09
CA ILE A 174 -9.23 1.26 -9.36
C ILE A 174 -10.09 0.06 -9.00
N ARG A 175 -10.10 -0.98 -9.84
CA ARG A 175 -10.98 -2.11 -9.65
C ARG A 175 -10.39 -3.15 -8.70
N ASN A 176 -11.25 -3.76 -7.91
CA ASN A 176 -10.89 -4.93 -7.12
C ASN A 176 -11.04 -6.16 -8.00
N ALA A 177 -10.12 -6.29 -8.94
CA ALA A 177 -10.15 -7.35 -9.94
C ALA A 177 -8.76 -7.55 -10.51
N VAL A 178 -8.60 -8.62 -11.29
CA VAL A 178 -7.30 -8.91 -11.88
C VAL A 178 -6.93 -7.81 -12.87
N ASN A 179 -5.63 -7.72 -13.15
CA ASN A 179 -5.12 -6.83 -14.17
C ASN A 179 -5.33 -7.45 -15.55
N GLN A 180 -5.20 -6.62 -16.59
CA GLN A 180 -5.38 -7.10 -17.96
C GLN A 180 -4.24 -6.72 -18.88
N SER A 181 -3.75 -5.48 -18.81
CA SER A 181 -2.67 -5.04 -19.68
C SER A 181 -1.80 -4.05 -18.92
N ILE A 182 -0.61 -3.79 -19.48
CA ILE A 182 0.35 -2.87 -18.89
C ILE A 182 1.13 -2.20 -20.01
N ASN A 183 1.35 -0.90 -19.87
CA ASN A 183 2.08 -0.13 -20.87
C ASN A 183 2.81 1.01 -20.18
N ILE A 184 3.93 1.43 -20.78
CA ILE A 184 4.76 2.51 -20.26
C ILE A 184 4.64 3.71 -21.20
N ASP A 185 4.47 4.89 -20.64
CA ASP A 185 4.58 6.14 -21.38
C ASP A 185 6.01 6.63 -21.23
N LYS A 186 6.84 6.44 -22.26
CA LYS A 186 8.27 6.71 -22.15
C LYS A 186 8.58 8.18 -21.91
N GLU A 187 7.68 9.08 -22.28
CA GLU A 187 7.96 10.51 -22.12
C GLU A 187 7.67 11.03 -20.73
N THR A 188 6.99 10.25 -19.89
CA THR A 188 6.68 10.66 -18.53
C THR A 188 7.06 9.63 -17.47
N ASN A 189 7.29 8.38 -17.85
CA ASN A 189 7.43 7.24 -16.96
C ASN A 189 6.11 6.82 -16.33
N HIS A 190 4.99 7.45 -16.70
CA HIS A 190 3.69 6.97 -16.29
C HIS A 190 3.47 5.55 -16.78
N MET A 191 2.69 4.79 -16.02
CA MET A 191 2.24 3.47 -16.44
C MET A 191 0.73 3.51 -16.65
N TYR A 192 0.26 2.69 -17.59
CA TYR A 192 -1.17 2.56 -17.86
C TYR A 192 -1.52 1.09 -17.87
N SER A 193 -2.61 0.75 -17.17
CA SER A 193 -3.12 -0.61 -17.13
C SER A 193 -4.60 -0.59 -17.49
N THR A 194 -5.13 -1.76 -17.80
CA THR A 194 -6.56 -1.92 -18.01
C THR A 194 -7.09 -3.00 -17.07
N GLN A 195 -8.35 -2.84 -16.69
CA GLN A 195 -9.07 -3.81 -15.88
C GLN A 195 -10.51 -3.90 -16.37
N SER A 196 -11.08 -5.09 -16.26
CA SER A 196 -12.50 -5.24 -16.54
C SER A 196 -13.33 -4.45 -15.53
N ASP A 197 -14.53 -4.04 -15.95
CA ASP A 197 -15.47 -3.39 -15.05
C ASP A 197 -16.50 -4.36 -14.48
N SER A 198 -16.54 -5.61 -14.96
CA SER A 198 -17.39 -6.66 -14.40
C SER A 198 -18.88 -6.32 -14.55
N GLN A 199 -19.28 -5.89 -15.74
CA GLN A 199 -20.67 -5.50 -15.99
C GLN A 199 -21.30 -6.35 -17.10
N LYS A 200 -22.62 -6.24 -17.22
CA LYS A 200 -23.37 -7.15 -18.09
C LYS A 200 -22.84 -7.14 -19.53
N PRO A 201 -22.83 -5.99 -20.27
CA PRO A 201 -21.96 -5.93 -21.44
C PRO A 201 -20.62 -5.42 -20.97
N GLU A 202 -19.56 -6.21 -21.15
CA GLU A 202 -18.30 -5.90 -20.49
C GLU A 202 -17.77 -4.55 -20.94
N GLY A 203 -17.35 -3.74 -19.96
CA GLY A 203 -16.51 -2.59 -20.21
C GLY A 203 -15.17 -2.79 -19.52
N PHE A 204 -14.33 -1.76 -19.63
CA PHE A 204 -13.03 -1.83 -18.98
C PHE A 204 -12.62 -0.45 -18.48
N TRP A 205 -11.76 -0.46 -17.48
CA TRP A 205 -11.15 0.73 -16.93
C TRP A 205 -9.75 0.90 -17.49
N ILE A 206 -9.34 2.15 -17.68
CA ILE A 206 -7.95 2.51 -17.98
C ILE A 206 -7.41 3.21 -16.74
N ASN A 207 -6.33 2.67 -16.17
CA ASN A 207 -5.72 3.25 -14.98
C ASN A 207 -4.44 3.97 -15.35
N LYS A 208 -4.35 5.24 -14.95
CA LYS A 208 -3.12 6.00 -15.06
C LYS A 208 -2.35 5.90 -13.74
N LEU A 209 -1.10 5.47 -13.81
CA LEU A 209 -0.32 5.13 -12.62
C LEU A 209 0.97 5.94 -12.57
N THR A 210 1.45 6.18 -11.35
CA THR A 210 2.74 6.82 -11.16
C THR A 210 3.84 5.85 -11.58
N PRO A 211 5.07 6.34 -11.75
CA PRO A 211 6.18 5.43 -12.06
C PRO A 211 6.44 4.40 -10.97
N SER A 212 5.91 4.62 -9.77
CA SER A 212 6.03 3.66 -8.68
C SER A 212 4.76 2.85 -8.46
N GLY A 213 3.82 2.90 -9.41
CA GLY A 213 2.66 2.02 -9.36
C GLY A 213 1.45 2.55 -8.63
N ASP A 214 1.51 3.75 -8.07
CA ASP A 214 0.35 4.30 -7.36
C ASP A 214 -0.68 4.82 -8.35
N LEU A 215 -1.94 4.79 -7.95
CA LEU A 215 -3.03 5.18 -8.82
C LEU A 215 -3.15 6.70 -8.88
N ILE A 216 -3.04 7.26 -10.08
CA ILE A 216 -3.32 8.68 -10.28
C ILE A 216 -4.79 8.91 -10.57
N SER A 217 -5.32 8.20 -11.56
CA SER A 217 -6.72 8.38 -11.97
C SER A 217 -7.10 7.20 -12.85
N SER A 218 -8.38 7.14 -13.17
CA SER A 218 -8.90 6.05 -13.99
C SER A 218 -9.97 6.59 -14.92
N MET A 219 -10.17 5.89 -16.04
CA MET A 219 -11.16 6.25 -17.04
C MET A 219 -11.91 4.99 -17.45
N ARG A 220 -13.24 5.04 -17.40
CA ARG A 220 -14.07 3.88 -17.70
C ARG A 220 -14.62 4.00 -19.11
N ILE A 221 -14.49 2.92 -19.88
CA ILE A 221 -15.06 2.82 -21.22
C ILE A 221 -16.29 1.93 -21.08
N VAL A 222 -17.45 2.57 -20.89
CA VAL A 222 -18.69 1.84 -20.65
C VAL A 222 -18.97 0.94 -21.86
N GLN A 223 -19.12 -0.35 -21.60
CA GLN A 223 -19.41 -1.35 -22.64
C GLN A 223 -18.35 -1.34 -23.74
N GLY A 224 -17.12 -0.94 -23.41
CA GLY A 224 -16.04 -0.93 -24.38
C GLY A 224 -15.46 -2.28 -24.71
N GLY A 225 -15.86 -3.33 -24.00
CA GLY A 225 -15.32 -4.65 -24.23
C GLY A 225 -14.37 -5.10 -23.14
N HIS A 226 -13.42 -5.97 -23.48
CA HIS A 226 -12.50 -6.54 -22.51
C HIS A 226 -11.29 -5.66 -22.25
N GLY A 227 -10.93 -4.79 -23.18
CA GLY A 227 -9.74 -3.97 -23.02
C GLY A 227 -8.47 -4.79 -22.97
N THR A 228 -8.40 -5.86 -23.76
CA THR A 228 -7.28 -6.79 -23.69
C THR A 228 -5.95 -6.08 -23.93
N THR A 229 -5.91 -5.18 -24.91
CA THR A 229 -4.73 -4.39 -25.19
C THR A 229 -5.16 -2.98 -25.56
N ILE A 230 -4.26 -2.02 -25.33
CA ILE A 230 -4.46 -0.64 -25.73
C ILE A 230 -3.13 -0.11 -26.26
N GLY A 231 -3.19 1.04 -26.91
CA GLY A 231 -2.00 1.68 -27.42
C GLY A 231 -1.89 3.12 -26.96
N LEU A 232 -0.73 3.49 -26.41
CA LEU A 232 -0.51 4.85 -25.93
C LEU A 232 0.08 5.71 -27.03
N GLU A 233 -0.45 6.92 -27.16
CA GLU A 233 0.10 7.92 -28.09
C GLU A 233 -0.02 9.28 -27.42
N ARG A 234 1.11 9.76 -26.88
CA ARG A 234 1.13 11.06 -26.23
C ARG A 234 1.21 12.16 -27.27
N GLN A 235 0.35 13.16 -27.14
CA GLN A 235 0.27 14.25 -28.11
C GLN A 235 1.30 15.33 -27.79
N SER A 236 1.38 16.33 -28.67
CA SER A 236 2.39 17.37 -28.52
C SER A 236 2.13 18.24 -27.30
N ASN A 237 0.86 18.57 -27.03
CA ASN A 237 0.52 19.43 -25.91
C ASN A 237 0.58 18.70 -24.56
N GLY A 238 1.06 17.46 -24.54
CA GLY A 238 1.19 16.72 -23.31
C GLY A 238 -0.03 15.89 -22.93
N GLU A 239 -1.10 15.94 -23.72
CA GLU A 239 -2.27 15.13 -23.44
C GLU A 239 -2.07 13.72 -24.01
N MET A 240 -2.65 12.75 -23.33
CA MET A 240 -2.52 11.35 -23.72
C MET A 240 -3.76 10.92 -24.50
N LYS A 241 -3.54 10.22 -25.61
CA LYS A 241 -4.62 9.59 -26.36
C LYS A 241 -4.41 8.08 -26.33
N ILE A 242 -5.52 7.34 -26.24
CA ILE A 242 -5.51 5.89 -26.08
C ILE A 242 -6.13 5.27 -27.31
N TRP A 243 -5.36 4.45 -28.02
CA TRP A 243 -5.91 3.60 -29.07
C TRP A 243 -6.59 2.39 -28.43
N LEU A 244 -7.88 2.24 -28.67
CA LEU A 244 -8.62 1.12 -28.09
C LEU A 244 -9.76 0.75 -29.03
N HIS A 245 -10.19 -0.50 -28.97
CA HIS A 245 -11.35 -0.96 -29.71
C HIS A 245 -12.55 -0.94 -28.79
N HIS A 246 -13.53 -0.10 -29.11
CA HIS A 246 -14.76 0.02 -28.32
C HIS A 246 -15.74 -1.00 -28.87
N ASP A 247 -15.87 -2.14 -28.18
CA ASP A 247 -16.75 -3.21 -28.65
C ASP A 247 -18.21 -2.78 -28.64
N GLY A 248 -18.58 -1.83 -27.79
CA GLY A 248 -19.97 -1.41 -27.71
C GLY A 248 -20.45 -0.70 -28.97
N VAL A 249 -19.60 0.17 -29.53
CA VAL A 249 -19.94 0.87 -30.76
C VAL A 249 -19.28 0.25 -31.98
N ALA A 250 -18.49 -0.80 -31.79
CA ALA A 250 -17.82 -1.50 -32.89
C ALA A 250 -16.98 -0.52 -33.72
N LYS A 251 -16.07 0.15 -33.04
CA LYS A 251 -15.18 1.12 -33.70
C LYS A 251 -13.82 1.11 -33.02
N LEU A 252 -12.78 1.23 -33.83
CA LEU A 252 -11.44 1.54 -33.33
C LEU A 252 -11.39 3.03 -33.02
N LEU A 253 -11.09 3.38 -31.78
CA LEU A 253 -11.12 4.77 -31.33
C LEU A 253 -9.72 5.23 -30.92
N GLN A 254 -9.54 6.54 -30.96
CA GLN A 254 -8.37 7.22 -30.41
C GLN A 254 -8.93 8.24 -29.43
N VAL A 255 -9.11 7.82 -28.18
CA VAL A 255 -9.81 8.63 -27.19
C VAL A 255 -8.81 9.43 -26.37
N ALA A 256 -9.18 10.65 -26.02
CA ALA A 256 -8.39 11.44 -25.09
C ALA A 256 -8.58 10.92 -23.68
N TYR A 257 -7.49 10.64 -22.99
CA TYR A 257 -7.60 10.17 -21.62
C TYR A 257 -8.00 11.33 -20.70
N LYS A 258 -8.95 11.08 -19.81
CA LYS A 258 -9.41 12.06 -18.83
C LYS A 258 -9.39 11.42 -17.45
N ASP A 259 -8.99 12.21 -16.45
CA ASP A 259 -8.82 11.71 -15.10
C ASP A 259 -10.17 11.47 -14.44
N ASN A 260 -10.36 10.26 -13.90
CA ASN A 260 -11.57 9.90 -13.15
C ASN A 260 -12.82 10.31 -13.93
N TYR A 261 -12.94 9.75 -15.12
CA TYR A 261 -13.96 10.12 -16.10
C TYR A 261 -14.67 8.87 -16.61
N VAL A 262 -15.97 8.99 -16.83
CA VAL A 262 -16.79 7.89 -17.34
C VAL A 262 -17.19 8.21 -18.76
N LEU A 263 -16.71 7.40 -19.71
CA LEU A 263 -17.07 7.56 -21.12
C LEU A 263 -18.31 6.71 -21.39
N ASP A 264 -19.48 7.35 -21.29
CA ASP A 264 -20.74 6.62 -21.48
C ASP A 264 -20.98 6.35 -22.96
N LEU A 265 -22.00 5.55 -23.24
CA LEU A 265 -22.21 5.03 -24.58
C LEU A 265 -22.60 6.15 -25.55
N GLU A 266 -23.40 7.11 -25.09
CA GLU A 266 -23.86 8.16 -26.00
C GLU A 266 -22.69 9.02 -26.49
N GLU A 267 -21.70 9.27 -25.63
CA GLU A 267 -20.53 10.02 -26.07
C GLU A 267 -19.68 9.20 -27.03
N ALA A 268 -19.54 7.90 -26.77
CA ALA A 268 -18.71 7.05 -27.61
C ALA A 268 -19.26 6.97 -29.03
N LYS A 269 -20.57 7.14 -29.20
CA LYS A 269 -21.14 7.07 -30.54
C LYS A 269 -20.75 8.27 -31.38
N GLY A 270 -20.56 9.44 -30.76
CA GLY A 270 -20.16 10.64 -31.46
C GLY A 270 -18.67 10.79 -31.69
N LEU A 271 -17.87 9.80 -31.33
CA LEU A 271 -16.42 9.89 -31.49
C LEU A 271 -16.02 9.43 -32.90
N THR A 272 -14.86 9.91 -33.33
CA THR A 272 -14.40 9.66 -34.69
C THR A 272 -13.99 8.19 -34.84
N ASP A 273 -14.42 7.57 -35.92
CA ASP A 273 -14.09 6.19 -36.22
C ASP A 273 -12.76 6.13 -36.97
N TYR A 274 -11.84 5.32 -36.47
CA TYR A 274 -10.58 5.08 -37.14
C TYR A 274 -10.44 3.64 -37.62
N THR A 275 -11.54 2.90 -37.65
CA THR A 275 -11.48 1.52 -38.13
C THR A 275 -11.11 1.51 -39.61
N PRO A 276 -10.08 0.74 -40.00
CA PRO A 276 -9.74 0.67 -41.43
C PRO A 276 -10.89 0.27 -42.35
N GLN A 277 -10.84 0.72 -43.60
CA GLN A 277 -11.95 0.45 -44.49
C GLN A 277 -12.19 -1.04 -44.66
N SER A 278 -11.12 -1.82 -44.79
CA SER A 278 -11.30 -3.25 -44.93
C SER A 278 -11.73 -4.04 -43.70
N LEU A 279 -11.94 -3.38 -42.56
CA LEU A 279 -12.21 -4.08 -41.31
C LEU A 279 -13.60 -3.78 -40.74
N LEU A 280 -14.45 -3.07 -41.47
CA LEU A 280 -15.82 -2.92 -41.01
C LEU A 280 -16.49 -4.29 -40.97
N ASN A 281 -17.57 -4.38 -40.19
CA ASN A 281 -18.25 -5.65 -39.91
C ASN A 281 -17.24 -6.77 -39.70
N LYS A 282 -16.15 -6.47 -38.97
CA LYS A 282 -15.17 -7.48 -38.61
C LYS A 282 -14.44 -7.04 -37.34
N HIS A 283 -15.20 -6.81 -36.28
CA HIS A 283 -14.70 -6.16 -35.08
C HIS A 283 -14.41 -7.21 -34.00
N THR A 284 -13.34 -7.96 -34.25
CA THR A 284 -12.83 -8.95 -33.32
C THR A 284 -11.34 -8.74 -33.10
N PHE A 285 -10.94 -7.50 -32.80
CA PHE A 285 -9.53 -7.19 -32.61
C PHE A 285 -9.38 -6.11 -31.56
N THR A 286 -8.15 -6.01 -31.05
CA THR A 286 -7.74 -4.94 -30.15
C THR A 286 -6.39 -4.41 -30.60
N PRO A 287 -6.12 -3.11 -30.36
CA PRO A 287 -4.87 -2.52 -30.86
C PRO A 287 -3.74 -2.49 -29.85
N LEU A 288 -2.51 -2.46 -30.35
CA LEU A 288 -1.33 -2.18 -29.55
C LEU A 288 -0.35 -1.42 -30.42
N ILE A 289 0.64 -0.80 -29.79
CA ILE A 289 1.58 0.07 -30.49
C ILE A 289 3.00 -0.42 -30.28
N ASP A 290 3.80 -0.37 -31.35
CA ASP A 290 5.24 -0.55 -31.28
C ASP A 290 5.85 0.84 -31.30
N GLU A 291 6.28 1.31 -30.12
CA GLU A 291 6.72 2.69 -29.99
C GLU A 291 7.95 2.98 -30.86
N ALA A 292 8.90 2.05 -30.90
CA ALA A 292 10.17 2.31 -31.57
C ALA A 292 9.97 2.56 -33.06
N ASN A 293 8.99 1.92 -33.69
CA ASN A 293 8.77 2.03 -35.12
C ASN A 293 7.45 2.70 -35.47
N ASP A 294 6.72 3.20 -34.48
CA ASP A 294 5.45 3.90 -34.71
C ASP A 294 4.46 3.03 -35.48
N LYS A 295 4.40 1.76 -35.12
CA LYS A 295 3.45 0.83 -35.72
C LYS A 295 2.24 0.64 -34.81
N LEU A 296 1.07 0.54 -35.44
CA LEU A 296 -0.16 0.18 -34.75
C LEU A 296 -0.51 -1.25 -35.17
N ILE A 297 -0.41 -2.18 -34.22
CA ILE A 297 -0.63 -3.59 -34.49
C ILE A 297 -2.02 -3.97 -34.04
N LEU A 298 -2.69 -4.80 -34.83
CA LEU A 298 -4.03 -5.28 -34.52
C LEU A 298 -3.97 -6.79 -34.31
N ARG A 299 -4.44 -7.25 -33.15
CA ARG A 299 -4.51 -8.67 -32.83
C ARG A 299 -5.95 -9.13 -32.97
N PHE A 300 -6.15 -10.19 -33.75
CA PHE A 300 -7.48 -10.73 -34.01
C PHE A 300 -7.71 -11.99 -33.20
N GLY A 301 -8.99 -12.26 -32.92
CA GLY A 301 -9.33 -13.42 -32.11
C GLY A 301 -8.86 -14.73 -32.73
N ASP A 302 -9.04 -14.88 -34.04
CA ASP A 302 -8.61 -16.09 -34.73
C ASP A 302 -7.09 -16.24 -34.78
N GLY A 303 -6.34 -15.27 -34.27
CA GLY A 303 -4.90 -15.35 -34.26
C GLY A 303 -4.20 -14.58 -35.37
N THR A 304 -4.88 -13.66 -36.02
CA THR A 304 -4.25 -12.86 -37.08
C THR A 304 -3.59 -11.64 -36.46
N ILE A 305 -2.36 -11.36 -36.88
CA ILE A 305 -1.61 -10.19 -36.46
C ILE A 305 -1.44 -9.28 -37.67
N GLN A 306 -1.96 -8.06 -37.58
CA GLN A 306 -1.85 -7.07 -38.64
C GLN A 306 -0.95 -5.93 -38.17
N VAL A 307 0.16 -5.72 -38.87
CA VAL A 307 1.08 -4.62 -38.58
C VAL A 307 0.77 -3.48 -39.54
N ARG A 308 0.36 -2.34 -38.98
CA ARG A 308 0.04 -1.16 -39.78
C ARG A 308 0.83 0.03 -39.24
N SER A 309 0.92 1.07 -40.06
CA SER A 309 1.53 2.32 -39.63
C SER A 309 0.51 3.11 -38.83
N ARG A 310 0.91 3.57 -37.64
CA ARG A 310 0.01 4.35 -36.80
C ARG A 310 -0.44 5.61 -37.52
N ALA A 311 0.52 6.33 -38.12
CA ALA A 311 0.17 7.54 -38.87
C ALA A 311 -0.83 7.23 -39.98
N ASP A 312 -0.66 6.08 -40.65
CA ASP A 312 -1.61 5.68 -41.69
C ASP A 312 -3.02 5.57 -41.13
N VAL A 313 -3.17 4.87 -40.01
CA VAL A 313 -4.49 4.69 -39.41
C VAL A 313 -5.06 6.04 -39.00
N LYS A 314 -4.22 6.91 -38.43
CA LYS A 314 -4.69 8.25 -38.07
C LYS A 314 -5.15 9.03 -39.28
N ASN A 315 -4.54 8.79 -40.44
CA ASN A 315 -4.89 9.46 -41.68
C ASN A 315 -5.94 8.70 -42.49
N HIS A 316 -6.57 7.69 -41.89
CA HIS A 316 -7.60 6.89 -42.56
C HIS A 316 -7.05 6.24 -43.83
N ILE A 317 -5.83 5.71 -43.73
CA ILE A 317 -5.19 4.98 -44.82
C ILE A 317 -5.17 3.51 -44.43
N ASP A 318 -5.73 2.67 -45.31
CA ASP A 318 -5.84 1.23 -45.05
C ASP A 318 -4.73 0.51 -45.80
N ASN A 319 -3.68 0.13 -45.07
CA ASN A 319 -2.56 -0.58 -45.66
C ASN A 319 -2.00 -1.55 -44.63
N VAL A 320 -2.05 -2.84 -44.95
CA VAL A 320 -1.49 -3.88 -44.10
C VAL A 320 -0.04 -4.10 -44.52
N GLU A 321 0.90 -3.73 -43.66
CA GLU A 321 2.32 -3.84 -44.00
C GLU A 321 2.84 -5.25 -43.75
N LYS A 322 2.40 -5.90 -42.67
CA LYS A 322 2.81 -7.26 -42.37
C LYS A 322 1.62 -7.99 -41.74
N GLU A 323 1.49 -9.27 -42.08
CA GLU A 323 0.44 -10.10 -41.53
C GLU A 323 0.98 -11.51 -41.29
N MET A 324 0.81 -12.01 -40.06
CA MET A 324 1.22 -13.36 -39.73
C MET A 324 0.13 -13.99 -38.87
N THR A 325 0.24 -15.30 -38.67
CA THR A 325 -0.71 -16.07 -37.90
C THR A 325 -0.04 -16.61 -36.65
N ILE A 326 -0.69 -16.43 -35.51
CA ILE A 326 -0.17 -16.91 -34.23
C ILE A 326 -0.87 -18.22 -33.89
N ASP A 327 -0.07 -19.27 -33.75
CA ASP A 327 -0.58 -20.57 -33.37
C ASP A 327 0.55 -21.59 -33.38
N ASN A 334 -6.93 -24.98 -23.15
CA ASN A 334 -5.61 -25.40 -22.72
C ASN A 334 -4.77 -24.19 -22.32
N ARG A 335 -4.16 -23.53 -23.30
CA ARG A 335 -3.35 -22.33 -23.05
C ARG A 335 -3.70 -21.28 -24.08
N TRP A 336 -4.09 -20.10 -23.62
CA TRP A 336 -4.57 -19.02 -24.49
C TRP A 336 -3.69 -17.78 -24.29
N MET A 337 -4.06 -16.71 -24.98
CA MET A 337 -3.27 -15.49 -24.98
C MET A 337 -3.48 -14.70 -23.70
N GLN A 338 -2.39 -14.24 -23.10
CA GLN A 338 -2.42 -13.36 -21.95
C GLN A 338 -1.76 -12.02 -22.20
N GLY A 339 -1.02 -11.88 -23.29
CA GLY A 339 -0.35 -10.63 -23.59
C GLY A 339 0.43 -10.74 -24.87
N ILE A 340 0.67 -9.59 -25.48
CA ILE A 340 1.42 -9.52 -26.73
C ILE A 340 2.16 -8.19 -26.77
N ALA A 341 3.41 -8.23 -27.19
CA ALA A 341 4.23 -7.04 -27.36
C ALA A 341 5.06 -7.20 -28.62
N VAL A 342 5.24 -6.10 -29.36
CA VAL A 342 6.00 -6.10 -30.60
C VAL A 342 7.13 -5.09 -30.48
N ASP A 343 8.34 -5.52 -30.79
CA ASP A 343 9.52 -4.66 -30.81
C ASP A 343 10.23 -4.84 -32.14
N GLY A 344 9.94 -3.97 -33.10
CA GLY A 344 10.54 -4.09 -34.41
C GLY A 344 10.10 -5.37 -35.08
N ASP A 345 11.08 -6.24 -35.36
CA ASP A 345 10.82 -7.53 -35.98
C ASP A 345 10.38 -8.60 -34.99
N ASP A 346 10.57 -8.36 -33.70
CA ASP A 346 10.31 -9.38 -32.69
C ASP A 346 8.90 -9.24 -32.13
N LEU A 347 8.16 -10.34 -32.12
CA LEU A 347 6.83 -10.40 -31.54
C LEU A 347 6.86 -11.36 -30.35
N TYR A 348 6.29 -10.94 -29.24
CA TYR A 348 6.28 -11.72 -28.00
C TYR A 348 4.84 -12.07 -27.63
N TRP A 349 4.64 -13.32 -27.24
CA TRP A 349 3.31 -13.89 -27.03
C TRP A 349 3.27 -14.52 -25.65
N LEU A 350 2.51 -13.91 -24.73
CA LEU A 350 2.43 -14.37 -23.35
C LEU A 350 1.25 -15.32 -23.18
N SER A 351 1.47 -16.41 -22.45
CA SER A 351 0.42 -17.39 -22.21
C SER A 351 0.64 -18.04 -20.85
N GLY A 352 -0.40 -18.73 -20.38
CA GLY A 352 -0.39 -19.38 -19.08
C GLY A 352 -1.60 -18.93 -18.27
N ASN A 353 -2.09 -19.85 -17.44
CA ASN A 353 -3.25 -19.59 -16.60
C ASN A 353 -2.83 -19.38 -15.15
N SER A 354 -3.81 -19.13 -14.29
CA SER A 354 -3.57 -18.66 -12.94
C SER A 354 -3.07 -19.75 -12.00
N SER A 355 -3.20 -21.02 -12.38
CA SER A 355 -2.84 -22.11 -11.48
C SER A 355 -1.34 -22.09 -11.17
N VAL A 356 -1.00 -22.57 -9.97
CA VAL A 356 0.40 -22.75 -9.61
C VAL A 356 1.06 -23.82 -10.50
N ASN A 357 0.27 -24.73 -11.03
CA ASN A 357 0.79 -25.81 -11.87
C ASN A 357 0.90 -25.42 -13.34
N SER A 358 0.49 -24.20 -13.69
CA SER A 358 0.58 -23.72 -15.07
C SER A 358 1.77 -22.78 -15.19
N HIS A 359 2.75 -23.17 -16.00
CA HIS A 359 3.96 -22.37 -16.14
C HIS A 359 3.69 -21.14 -16.98
N VAL A 360 4.34 -20.03 -16.63
CA VAL A 360 4.28 -18.83 -17.44
C VAL A 360 5.20 -19.02 -18.64
N GLN A 361 4.78 -18.51 -19.80
CA GLN A 361 5.54 -18.74 -21.01
C GLN A 361 5.41 -17.54 -21.93
N ILE A 362 6.51 -17.18 -22.58
CA ILE A 362 6.52 -16.16 -23.62
C ILE A 362 7.11 -16.80 -24.87
N GLY A 363 6.36 -16.75 -25.97
CA GLY A 363 6.84 -17.20 -27.27
C GLY A 363 7.37 -16.04 -28.07
N LYS A 364 8.56 -16.23 -28.63
CA LYS A 364 9.21 -15.21 -29.45
C LYS A 364 9.06 -15.58 -30.92
N TYR A 365 8.54 -14.63 -31.71
CA TYR A 365 8.30 -14.83 -33.13
C TYR A 365 9.03 -13.74 -33.92
N SER A 366 9.26 -14.01 -35.19
CA SER A 366 9.89 -13.06 -36.11
C SER A 366 8.86 -12.59 -37.13
N LEU A 367 8.67 -11.28 -37.23
CA LEU A 367 7.67 -10.73 -38.13
C LEU A 367 8.08 -10.89 -39.59
N THR A 368 9.38 -10.96 -39.88
CA THR A 368 9.82 -11.17 -41.25
C THR A 368 9.66 -12.64 -41.66
N THR A 369 10.06 -13.56 -40.79
CA THR A 369 9.92 -14.98 -41.11
C THR A 369 8.49 -15.46 -40.95
N GLY A 370 7.78 -14.92 -39.95
CA GLY A 370 6.42 -15.34 -39.66
C GLY A 370 6.30 -16.59 -38.82
N GLN A 371 7.42 -17.22 -38.45
CA GLN A 371 7.41 -18.46 -37.70
C GLN A 371 7.96 -18.21 -36.30
N LYS A 372 7.69 -19.18 -35.42
CA LYS A 372 8.18 -19.10 -34.05
C LYS A 372 9.69 -19.30 -34.01
N ILE A 373 10.38 -18.48 -33.23
CA ILE A 373 11.80 -18.70 -32.98
C ILE A 373 11.98 -19.71 -31.85
N TYR A 374 11.35 -19.46 -30.70
CA TYR A 374 11.39 -20.42 -29.60
C TYR A 374 10.28 -20.07 -28.61
N ASP A 375 9.92 -21.07 -27.80
CA ASP A 375 9.08 -20.88 -26.63
C ASP A 375 9.97 -20.80 -25.39
N TYR A 376 9.65 -19.87 -24.49
CA TYR A 376 10.46 -19.61 -23.30
C TYR A 376 9.60 -19.75 -22.06
N PRO A 377 9.58 -20.93 -21.44
CA PRO A 377 8.94 -21.06 -20.12
C PRO A 377 9.87 -20.64 -19.01
N PHE A 378 9.30 -20.09 -17.95
CA PHE A 378 10.09 -19.60 -16.84
C PHE A 378 9.26 -19.60 -15.57
N LYS A 379 9.95 -19.62 -14.45
CA LYS A 379 9.33 -19.54 -13.14
C LYS A 379 9.64 -18.19 -12.51
N LEU A 380 8.67 -17.62 -11.81
CA LEU A 380 8.83 -16.37 -11.11
C LEU A 380 8.91 -16.61 -9.62
N SER A 381 9.56 -15.68 -8.92
CA SER A 381 9.63 -15.70 -7.47
C SER A 381 8.53 -14.79 -6.92
N TYR A 382 7.63 -15.36 -6.14
CA TYR A 382 6.49 -14.62 -5.60
C TYR A 382 6.74 -14.35 -4.12
N GLN A 383 5.65 -14.14 -3.37
CA GLN A 383 5.74 -13.74 -1.97
C GLN A 383 6.65 -14.65 -1.15
N ASP A 384 6.47 -15.96 -1.27
CA ASP A 384 7.22 -16.92 -0.48
C ASP A 384 8.26 -17.66 -1.31
N GLY A 385 8.59 -17.16 -2.49
CA GLY A 385 9.61 -17.78 -3.32
C GLY A 385 9.07 -18.26 -4.65
N ILE A 386 9.88 -19.11 -5.31
CA ILE A 386 9.56 -19.55 -6.67
C ILE A 386 8.29 -20.41 -6.65
N ASN A 387 7.27 -19.95 -7.36
CA ASN A 387 5.98 -20.64 -7.49
C ASN A 387 5.31 -20.84 -6.14
N PHE A 388 5.48 -19.85 -5.26
CA PHE A 388 4.75 -19.79 -3.99
C PHE A 388 4.04 -18.45 -3.87
N PRO A 389 3.04 -18.20 -4.71
CA PRO A 389 2.32 -16.93 -4.65
C PRO A 389 1.22 -16.95 -3.59
N ARG A 390 0.88 -15.75 -3.14
CA ARG A 390 -0.16 -15.62 -2.12
C ARG A 390 -1.46 -16.23 -2.62
N ASP A 391 -2.08 -17.07 -1.80
CA ASP A 391 -3.35 -17.70 -2.10
C ASP A 391 -3.27 -18.61 -3.33
N ASN A 392 -2.07 -19.01 -3.72
CA ASN A 392 -1.85 -19.97 -4.82
C ASN A 392 -2.42 -19.47 -6.14
N PHE A 393 -2.43 -18.15 -6.34
CA PHE A 393 -2.95 -17.53 -7.54
C PHE A 393 -1.85 -16.72 -8.21
N LYS A 394 -1.56 -17.04 -9.47
CA LYS A 394 -0.56 -16.33 -10.24
C LYS A 394 -0.98 -16.30 -11.72
N GLU A 395 -1.67 -15.25 -12.12
CA GLU A 395 -2.19 -15.13 -13.48
C GLU A 395 -1.37 -14.11 -14.26
N PRO A 396 -0.89 -14.44 -15.46
CA PRO A 396 -0.19 -13.43 -16.27
C PRO A 396 -1.17 -12.47 -16.92
N GLU A 397 -0.83 -11.18 -16.86
CA GLU A 397 -1.77 -10.13 -17.26
C GLU A 397 -1.09 -9.07 -18.11
N GLY A 398 -0.41 -9.50 -19.17
CA GLY A 398 0.05 -8.58 -20.18
C GLY A 398 1.56 -8.34 -20.13
N ILE A 399 2.10 -7.89 -21.26
CA ILE A 399 3.51 -7.59 -21.40
C ILE A 399 3.66 -6.32 -22.23
N CYS A 400 4.84 -5.71 -22.15
CA CYS A 400 5.17 -4.57 -22.99
C CYS A 400 6.69 -4.48 -23.07
N ILE A 401 7.16 -3.97 -24.20
CA ILE A 401 8.58 -3.71 -24.42
C ILE A 401 8.84 -2.25 -24.09
N TYR A 402 9.94 -1.99 -23.38
CA TYR A 402 10.35 -0.63 -23.04
C TYR A 402 11.74 -0.39 -23.57
N THR A 403 11.92 0.74 -24.27
CA THR A 403 13.21 1.17 -24.78
C THR A 403 13.60 2.45 -24.06
N ASN A 404 14.72 2.40 -23.34
CA ASN A 404 15.18 3.54 -22.56
C ASN A 404 15.52 4.69 -23.50
N PRO A 405 14.86 5.86 -23.38
CA PRO A 405 15.15 6.95 -24.31
C PRO A 405 16.59 7.41 -24.27
N LYS A 406 17.26 7.30 -23.13
CA LYS A 406 18.64 7.78 -23.01
C LYS A 406 19.63 6.71 -23.42
N THR A 407 19.56 5.53 -22.82
CA THR A 407 20.51 4.47 -23.11
C THR A 407 20.15 3.66 -24.35
N LYS A 408 18.93 3.80 -24.86
CA LYS A 408 18.42 3.06 -26.01
C LYS A 408 18.42 1.55 -25.78
N ARG A 409 18.60 1.10 -24.55
CA ARG A 409 18.60 -0.32 -24.24
C ARG A 409 17.21 -0.75 -23.77
N LYS A 410 16.97 -2.06 -23.80
CA LYS A 410 15.62 -2.58 -23.81
C LYS A 410 15.30 -3.38 -22.55
N SER A 411 14.00 -3.45 -22.27
CA SER A 411 13.45 -4.28 -21.20
C SER A 411 12.12 -4.82 -21.69
N LEU A 412 11.79 -6.03 -21.25
CA LEU A 412 10.47 -6.63 -21.47
C LEU A 412 9.80 -6.79 -20.11
N LEU A 413 8.71 -6.06 -19.91
CA LEU A 413 8.01 -6.02 -18.63
C LEU A 413 6.80 -6.94 -18.68
N LEU A 414 6.51 -7.58 -17.54
CA LEU A 414 5.48 -8.59 -17.43
C LEU A 414 4.64 -8.31 -16.20
N ALA A 415 3.32 -8.28 -16.37
CA ALA A 415 2.39 -8.02 -15.28
C ALA A 415 1.78 -9.32 -14.80
N MET A 416 1.80 -9.54 -13.48
CA MET A 416 1.19 -10.70 -12.86
C MET A 416 0.17 -10.24 -11.83
N THR A 417 -0.90 -11.01 -11.67
CA THR A 417 -1.86 -10.80 -10.59
C THR A 417 -1.79 -11.98 -9.64
N ASN A 418 -1.61 -11.67 -8.35
CA ASN A 418 -1.56 -12.64 -7.27
C ASN A 418 -2.69 -12.36 -6.29
N GLY A 419 -2.81 -13.20 -5.28
CA GLY A 419 -3.84 -13.05 -4.28
C GLY A 419 -5.14 -13.73 -4.68
N GLY A 420 -5.95 -14.05 -3.67
CA GLY A 420 -7.17 -14.81 -3.86
C GLY A 420 -8.33 -13.94 -4.30
N GLY A 421 -9.50 -14.57 -4.38
CA GLY A 421 -10.71 -13.89 -4.81
C GLY A 421 -11.04 -12.67 -3.97
N GLY A 422 -11.31 -11.55 -4.62
CA GLY A 422 -11.56 -10.32 -3.90
C GLY A 422 -10.35 -9.74 -3.21
N LYS A 423 -9.17 -10.32 -3.42
CA LYS A 423 -7.93 -9.87 -2.78
C LYS A 423 -6.80 -9.72 -3.79
N ARG A 424 -7.13 -9.53 -5.06
CA ARG A 424 -6.12 -9.52 -6.11
C ARG A 424 -5.22 -8.31 -5.99
N PHE A 425 -3.92 -8.51 -6.27
CA PHE A 425 -2.98 -7.41 -6.36
C PHE A 425 -1.98 -7.74 -7.46
N HIS A 426 -1.37 -6.69 -8.01
CA HIS A 426 -0.63 -6.79 -9.26
C HIS A 426 0.84 -6.53 -9.03
N ASN A 427 1.69 -7.35 -9.66
CA ASN A 427 3.13 -7.25 -9.51
C ASN A 427 3.79 -7.24 -10.88
N LEU A 428 4.71 -6.31 -11.07
CA LEU A 428 5.42 -6.15 -12.33
C LEU A 428 6.77 -6.87 -12.25
N TYR A 429 7.03 -7.71 -13.24
CA TYR A 429 8.31 -8.38 -13.42
C TYR A 429 8.93 -7.90 -14.73
N GLY A 430 10.19 -8.23 -14.96
CA GLY A 430 10.88 -7.74 -16.15
C GLY A 430 12.07 -8.58 -16.53
N PHE A 431 12.37 -8.57 -17.83
CA PHE A 431 13.61 -9.10 -18.39
C PHE A 431 14.42 -7.93 -18.94
N PHE A 432 15.68 -7.82 -18.52
CA PHE A 432 16.45 -6.61 -18.73
C PHE A 432 17.80 -6.87 -19.37
N GLN A 433 18.19 -5.98 -20.27
CA GLN A 433 19.59 -5.86 -20.64
C GLN A 433 20.40 -5.41 -19.43
N LEU A 434 21.70 -5.66 -19.48
CA LEU A 434 22.58 -5.29 -18.38
C LEU A 434 22.42 -3.81 -18.04
N GLY A 435 22.12 -3.53 -16.77
CA GLY A 435 22.05 -2.18 -16.28
C GLY A 435 20.69 -1.53 -16.36
N GLU A 436 19.72 -2.14 -17.05
CA GLU A 436 18.43 -1.50 -17.25
C GLU A 436 17.46 -1.71 -16.10
N TYR A 437 17.68 -2.72 -15.25
CA TYR A 437 16.84 -2.88 -14.07
C TYR A 437 16.92 -1.66 -13.17
N GLU A 438 18.07 -0.99 -13.13
CA GLU A 438 18.25 0.17 -12.25
C GLU A 438 17.31 1.30 -12.63
N HIS A 439 16.95 1.42 -13.91
CA HIS A 439 16.01 2.46 -14.32
C HIS A 439 14.71 2.34 -13.54
N PHE A 440 14.18 1.11 -13.43
CA PHE A 440 12.90 0.92 -12.75
C PHE A 440 13.06 0.82 -11.23
N GLU A 441 14.22 0.35 -10.76
CA GLU A 441 14.47 0.34 -9.32
C GLU A 441 14.42 1.75 -8.76
N ALA A 442 15.03 2.71 -9.48
CA ALA A 442 15.00 4.10 -9.03
C ALA A 442 13.58 4.64 -9.02
N LEU A 443 12.77 4.24 -10.00
CA LEU A 443 11.37 4.65 -10.00
C LEU A 443 10.61 4.04 -8.82
N ARG A 444 10.85 2.76 -8.52
CA ARG A 444 10.24 2.17 -7.34
C ARG A 444 10.70 2.86 -6.07
N ALA A 445 12.02 3.11 -5.97
CA ALA A 445 12.57 3.69 -4.75
C ALA A 445 11.95 5.06 -4.46
N ARG A 446 11.72 5.85 -5.51
CA ARG A 446 11.14 7.17 -5.31
C ARG A 446 9.79 7.09 -4.63
N GLY A 447 9.01 6.04 -4.91
CA GLY A 447 7.71 5.85 -4.30
C GLY A 447 7.68 4.92 -3.12
N SER A 448 8.82 4.46 -2.63
CA SER A 448 8.87 3.48 -1.55
C SER A 448 9.04 4.18 -0.20
N GLN A 449 8.82 3.41 0.86
CA GLN A 449 9.03 3.86 2.24
C GLN A 449 10.52 3.73 2.55
N ASN A 450 11.23 4.86 2.56
CA ASN A 450 12.68 4.86 2.68
C ASN A 450 13.16 5.27 4.07
N TYR A 451 12.25 5.25 5.06
CA TYR A 451 12.59 5.46 6.45
C TYR A 451 12.06 4.27 7.24
N LYS A 452 12.91 3.69 8.09
CA LYS A 452 12.61 2.40 8.69
C LYS A 452 11.68 2.58 9.88
N LEU A 453 10.48 2.02 9.78
CA LEU A 453 9.50 2.06 10.86
C LEU A 453 9.54 0.81 11.73
N THR A 454 9.92 -0.33 11.17
CA THR A 454 10.02 -1.58 11.92
C THR A 454 11.30 -2.30 11.50
N LYS A 455 11.68 -3.32 12.25
CA LYS A 455 12.76 -4.19 11.81
C LYS A 455 12.36 -4.90 10.52
N ASP A 456 13.37 -5.36 9.78
CA ASP A 456 13.14 -5.93 8.46
C ASP A 456 12.32 -7.21 8.47
N ASP A 457 12.12 -7.82 9.63
CA ASP A 457 11.33 -9.04 9.74
C ASP A 457 9.98 -8.81 10.40
N GLY A 458 9.58 -7.55 10.60
CA GLY A 458 8.29 -7.26 11.20
C GLY A 458 8.33 -7.07 12.70
N ARG A 459 9.45 -7.34 13.35
CA ARG A 459 9.60 -6.96 14.75
C ARG A 459 9.62 -5.44 14.87
N ALA A 460 9.08 -4.96 15.99
CA ALA A 460 9.18 -3.54 16.29
C ALA A 460 10.65 -3.17 16.51
N LEU A 461 10.94 -1.88 16.30
CA LEU A 461 12.26 -1.37 16.63
C LEU A 461 12.52 -1.54 18.12
N SER A 462 13.79 -1.73 18.46
CA SER A 462 14.24 -1.67 19.85
C SER A 462 14.88 -0.30 20.09
N ILE A 463 14.75 0.21 21.31
CA ILE A 463 15.34 1.51 21.61
C ILE A 463 16.86 1.31 21.69
N PRO A 464 17.67 2.30 21.32
CA PRO A 464 19.11 2.14 21.47
C PRO A 464 19.50 1.94 22.92
N ASP A 465 20.63 1.26 23.12
CA ASP A 465 21.13 1.02 24.47
C ASP A 465 21.43 2.34 25.19
N HIS A 466 21.81 3.38 24.45
CA HIS A 466 22.16 4.64 25.09
C HIS A 466 20.95 5.44 25.53
N ILE A 467 19.73 5.01 25.21
CA ILE A 467 18.51 5.69 25.62
C ILE A 467 18.10 5.13 26.98
N ASP A 468 18.23 5.94 28.03
CA ASP A 468 17.75 5.60 29.36
C ASP A 468 16.67 6.57 29.83
N ASP A 469 16.12 7.35 28.91
CA ASP A 469 15.18 8.42 29.24
C ASP A 469 14.20 8.55 28.08
N LEU A 470 12.90 8.40 28.38
CA LEU A 470 11.89 8.52 27.32
C LEU A 470 11.98 9.87 26.62
N ASN A 471 12.41 10.91 27.34
CA ASN A 471 12.55 12.23 26.73
C ASN A 471 13.51 12.23 25.55
N ASP A 472 14.42 11.26 25.47
CA ASP A 472 15.41 11.22 24.41
C ASP A 472 14.99 10.37 23.22
N LEU A 473 13.83 9.71 23.30
CA LEU A 473 13.34 8.87 22.20
C LEU A 473 12.42 9.71 21.30
N THR A 474 13.05 10.65 20.59
CA THR A 474 12.33 11.58 19.74
C THR A 474 12.36 11.21 18.27
N GLN A 475 12.97 10.08 17.92
CA GLN A 475 13.10 9.66 16.54
C GLN A 475 11.90 8.80 16.14
N ALA A 476 11.31 9.12 15.00
CA ALA A 476 10.09 8.43 14.57
C ALA A 476 10.34 6.94 14.39
N GLY A 477 9.30 6.16 14.66
CA GLY A 477 9.36 4.72 14.49
C GLY A 477 8.41 4.02 15.44
N PHE A 478 8.24 2.72 15.19
CA PHE A 478 7.41 1.87 16.05
C PHE A 478 8.32 1.00 16.91
N TYR A 479 8.33 1.28 18.21
CA TYR A 479 9.26 0.64 19.13
C TYR A 479 8.52 -0.28 20.09
N TYR A 480 9.28 -1.18 20.70
CA TYR A 480 8.79 -1.95 21.83
C TYR A 480 9.90 -2.07 22.87
N ILE A 481 9.53 -1.88 24.14
CA ILE A 481 10.43 -2.09 25.27
C ILE A 481 9.80 -3.14 26.18
N ASP A 482 10.63 -4.01 26.73
CA ASP A 482 10.13 -5.05 27.61
C ASP A 482 9.91 -4.48 29.02
N GLY A 483 9.33 -5.31 29.89
CA GLY A 483 8.98 -4.85 31.22
C GLY A 483 10.18 -4.33 31.99
N GLY A 484 11.32 -5.00 31.88
CA GLY A 484 12.52 -4.53 32.56
C GLY A 484 12.90 -3.13 32.16
N THR A 485 12.91 -2.84 30.85
CA THR A 485 13.25 -1.51 30.39
C THR A 485 12.21 -0.48 30.82
N ALA A 486 10.92 -0.85 30.77
CA ALA A 486 9.88 0.07 31.21
C ALA A 486 10.04 0.42 32.69
N GLU A 487 10.61 -0.48 33.48
CA GLU A 487 10.78 -0.23 34.91
C GLU A 487 11.87 0.81 35.18
N LYS A 488 12.85 0.94 34.28
CA LYS A 488 14.02 1.76 34.52
C LYS A 488 14.03 3.07 33.75
N LEU A 489 13.31 3.16 32.64
CA LEU A 489 13.37 4.37 31.83
C LEU A 489 12.92 5.59 32.62
N LYS A 490 13.67 6.67 32.48
CA LYS A 490 13.28 7.94 33.11
C LYS A 490 12.11 8.57 32.36
N ASN A 491 11.31 9.34 33.09
CA ASN A 491 10.23 10.14 32.53
C ASN A 491 9.12 9.28 31.92
N MET A 492 8.84 8.15 32.54
CA MET A 492 7.66 7.37 32.19
C MET A 492 6.43 7.91 32.93
N PRO A 493 5.23 7.68 32.39
CA PRO A 493 4.03 8.22 33.04
C PRO A 493 3.86 7.71 34.47
N MET A 494 3.45 8.61 35.36
CA MET A 494 3.36 8.33 36.78
C MET A 494 1.97 8.82 37.17
N ASN A 495 1.52 8.21 38.27
CA ASN A 495 0.29 8.50 39.04
C ASN A 495 0.92 8.60 40.43
N GLY A 496 1.51 9.73 40.77
CA GLY A 496 2.30 9.75 41.98
C GLY A 496 3.56 8.92 42.06
N SER A 497 3.62 7.99 43.01
CA SER A 497 4.75 7.08 43.13
C SER A 497 4.62 5.86 42.23
N LYS A 498 3.47 5.65 41.62
CA LYS A 498 3.22 4.45 40.83
C LYS A 498 3.55 4.70 39.36
N ARG A 499 4.37 3.84 38.78
CA ARG A 499 4.59 3.84 37.34
C ARG A 499 3.36 3.23 36.66
N ILE A 500 2.69 4.03 35.83
CA ILE A 500 1.45 3.54 35.20
C ILE A 500 1.74 2.36 34.30
N ILE A 501 2.78 2.46 33.48
CA ILE A 501 3.14 1.40 32.55
C ILE A 501 3.98 0.37 33.32
N ASP A 502 3.30 -0.60 33.95
CA ASP A 502 3.97 -1.61 34.76
C ASP A 502 4.03 -2.94 34.03
N ALA A 503 4.48 -2.88 32.78
CA ALA A 503 4.70 -4.05 31.95
C ALA A 503 5.46 -3.58 30.71
N GLY A 504 5.68 -4.50 29.78
CA GLY A 504 6.20 -4.12 28.49
C GLY A 504 5.32 -3.09 27.82
N CYS A 505 5.90 -2.36 26.86
CA CYS A 505 5.22 -1.21 26.30
C CYS A 505 5.61 -1.00 24.84
N PHE A 506 4.61 -0.89 23.97
CA PHE A 506 4.84 -0.38 22.63
C PHE A 506 4.93 1.14 22.68
N ILE A 507 5.90 1.70 21.96
CA ILE A 507 6.09 3.15 21.89
C ILE A 507 6.05 3.54 20.42
N ASN A 508 4.98 4.21 20.01
CA ASN A 508 4.82 4.71 18.66
C ASN A 508 5.23 6.18 18.65
N VAL A 509 6.39 6.48 18.06
CA VAL A 509 6.86 7.85 17.91
C VAL A 509 6.42 8.31 16.53
N TYR A 510 5.51 9.29 16.49
CA TYR A 510 4.86 9.65 15.24
C TYR A 510 5.88 10.16 14.23
N PRO A 511 5.71 9.87 12.95
CA PRO A 511 6.37 10.66 11.91
C PRO A 511 6.19 12.14 12.19
N THR A 512 7.28 12.89 12.14
CA THR A 512 7.36 14.17 12.81
C THR A 512 6.74 15.29 11.97
N THR A 513 6.49 16.42 12.64
CA THR A 513 6.12 17.64 11.94
C THR A 513 7.32 18.17 11.15
N GLN A 514 7.07 19.17 10.30
CA GLN A 514 8.15 19.74 9.51
C GLN A 514 9.25 20.34 10.38
N THR A 515 8.95 20.65 11.64
CA THR A 515 9.95 21.16 12.58
C THR A 515 10.32 20.12 13.62
N LEU A 516 10.16 18.85 13.29
CA LEU A 516 10.61 17.71 14.09
C LEU A 516 9.82 17.52 15.38
N GLY A 517 8.67 18.18 15.52
CA GLY A 517 7.77 17.86 16.61
C GLY A 517 7.18 16.48 16.42
N THR A 518 6.88 15.81 17.53
CA THR A 518 6.37 14.45 17.44
C THR A 518 5.52 14.14 18.67
N VAL A 519 4.88 12.98 18.60
CA VAL A 519 4.03 12.45 19.66
C VAL A 519 4.57 11.07 20.04
N GLN A 520 4.58 10.78 21.34
CA GLN A 520 4.88 9.45 21.84
C GLN A 520 3.58 8.82 22.31
N GLU A 521 3.17 7.73 21.65
CA GLU A 521 1.97 6.99 22.03
C GLU A 521 2.39 5.67 22.65
N LEU A 522 2.11 5.50 23.94
CA LEU A 522 2.47 4.31 24.68
C LEU A 522 1.29 3.37 24.77
N THR A 523 1.56 2.07 24.61
CA THR A 523 0.56 1.02 24.75
C THR A 523 1.13 -0.06 25.66
N ARG A 524 0.62 -0.15 26.88
CA ARG A 524 1.09 -1.16 27.82
C ARG A 524 0.70 -2.54 27.30
N PHE A 525 1.68 -3.42 27.15
CA PHE A 525 1.46 -4.73 26.57
C PHE A 525 1.25 -5.76 27.68
N SER A 526 0.01 -6.17 27.87
CA SER A 526 -0.32 -7.23 28.81
C SER A 526 -1.38 -8.13 28.16
N THR A 527 -1.51 -9.34 28.69
CA THR A 527 -2.54 -10.26 28.24
C THR A 527 -3.57 -10.57 29.30
N GLY A 528 -3.25 -10.35 30.58
CA GLY A 528 -4.18 -10.57 31.66
C GLY A 528 -4.83 -9.32 32.21
N ARG A 529 -4.45 -8.14 31.72
CA ARG A 529 -5.01 -6.88 32.17
C ARG A 529 -5.34 -6.04 30.96
N LYS A 530 -6.09 -4.96 31.17
CA LYS A 530 -6.42 -4.07 30.08
C LYS A 530 -5.15 -3.41 29.55
N MET A 531 -5.22 -2.93 28.31
CA MET A 531 -4.12 -2.22 27.71
C MET A 531 -4.33 -0.73 27.88
N VAL A 532 -3.35 -0.07 28.47
CA VAL A 532 -3.38 1.36 28.71
C VAL A 532 -2.74 2.06 27.52
N LYS A 533 -3.38 3.13 27.05
CA LYS A 533 -2.85 3.95 25.96
C LYS A 533 -2.76 5.39 26.42
N MET A 534 -1.58 5.98 26.29
CA MET A 534 -1.33 7.36 26.67
C MET A 534 -0.45 8.01 25.61
N VAL A 535 -0.65 9.32 25.41
CA VAL A 535 0.10 10.07 24.41
C VAL A 535 0.57 11.38 25.02
N ARG A 536 1.74 11.84 24.57
CA ARG A 536 2.21 13.18 24.87
C ARG A 536 2.97 13.72 23.67
N GLY A 537 3.01 15.04 23.56
CA GLY A 537 3.68 15.71 22.47
C GLY A 537 4.94 16.41 22.95
N MET A 538 5.77 16.78 21.98
CA MET A 538 7.00 17.49 22.28
C MET A 538 7.48 18.22 21.04
N THR A 539 8.14 19.35 21.28
CA THR A 539 8.61 20.21 20.22
C THR A 539 10.07 20.57 20.46
N LEU A 540 10.75 20.91 19.38
CA LEU A 540 12.17 21.23 19.40
C LEU A 540 12.35 22.70 19.06
N ASP A 541 13.08 23.41 19.91
CA ASP A 541 13.41 24.82 19.65
C ASP A 541 14.63 24.84 18.73
N VAL A 542 14.43 25.30 17.49
CA VAL A 542 15.51 25.27 16.50
C VAL A 542 16.62 26.25 16.80
N PHE A 543 16.41 27.17 17.75
CA PHE A 543 17.45 28.13 18.11
C PHE A 543 18.29 27.64 19.30
N THR A 544 17.65 27.04 20.30
CA THR A 544 18.36 26.49 21.45
C THR A 544 18.62 24.99 21.33
N LEU A 545 17.95 24.31 20.40
CA LEU A 545 18.07 22.86 20.23
C LEU A 545 17.67 22.11 21.49
N LYS A 546 16.79 22.71 22.30
CA LYS A 546 16.23 22.08 23.48
C LYS A 546 14.80 21.65 23.21
N TRP A 547 14.34 20.64 23.94
CA TRP A 547 13.02 20.07 23.76
C TRP A 547 12.07 20.55 24.85
N ASP A 548 10.80 20.72 24.47
CA ASP A 548 9.71 21.02 25.40
C ASP A 548 8.72 19.88 25.36
N TYR A 549 8.41 19.31 26.52
CA TYR A 549 7.57 18.13 26.62
C TYR A 549 6.22 18.49 27.24
N GLY A 550 5.14 18.03 26.60
CA GLY A 550 3.81 18.33 27.08
C GLY A 550 3.31 17.30 28.08
N LEU A 551 2.14 17.59 28.63
CA LEU A 551 1.51 16.70 29.60
C LEU A 551 0.93 15.47 28.91
N TRP A 552 0.63 14.46 29.71
CA TRP A 552 0.15 13.19 29.20
C TRP A 552 -1.36 13.22 29.01
N THR A 553 -1.80 12.78 27.84
CA THR A 553 -3.21 12.51 27.57
C THR A 553 -3.44 11.01 27.68
N THR A 554 -4.54 10.62 28.33
CA THR A 554 -4.93 9.23 28.44
C THR A 554 -6.06 8.94 27.46
N ILE A 555 -5.87 7.91 26.64
CA ILE A 555 -6.94 7.41 25.78
C ILE A 555 -7.74 6.41 26.62
N LYS A 556 -9.05 6.63 26.72
CA LYS A 556 -9.86 5.81 27.61
C LYS A 556 -9.92 4.37 27.10
N THR A 557 -9.58 3.43 27.97
CA THR A 557 -9.64 2.01 27.66
C THR A 557 -10.28 1.28 28.83
N ASP A 558 -10.93 0.16 28.52
CA ASP A 558 -11.58 -0.66 29.55
C ASP A 558 -11.63 -2.10 29.07
N ALA A 559 -11.61 -3.01 30.03
CA ALA A 559 -11.71 -4.44 29.77
C ALA A 559 -12.65 -5.04 30.79
N PRO A 560 -13.15 -6.26 30.53
CA PRO A 560 -13.99 -6.94 31.54
C PRO A 560 -13.24 -7.37 32.79
N TYR A 561 -11.96 -7.05 32.92
CA TYR A 561 -11.20 -7.29 34.14
C TYR A 561 -10.82 -5.95 34.76
N GLN A 562 -10.59 -5.98 36.08
CA GLN A 562 -10.36 -4.77 36.84
C GLN A 562 -9.00 -4.17 36.53
N GLU A 563 -8.91 -2.85 36.69
CA GLU A 563 -7.64 -2.13 36.77
C GLU A 563 -7.37 -1.98 38.27
N TYR A 564 -6.69 -2.98 38.84
CA TYR A 564 -6.61 -3.17 40.29
C TYR A 564 -5.66 -2.17 40.92
N LEU A 565 -6.09 -1.57 42.03
CA LEU A 565 -5.29 -0.60 42.78
C LEU A 565 -4.81 -1.25 44.07
N GLU A 566 -3.48 -1.43 44.18
CA GLU A 566 -2.86 -1.89 45.41
C GLU A 566 -2.45 -0.69 46.24
N ALA A 567 -3.02 -0.56 47.44
CA ALA A 567 -2.85 0.64 48.23
C ALA A 567 -1.37 0.96 48.46
N SER A 568 -0.55 -0.06 48.71
CA SER A 568 0.84 0.18 49.05
C SER A 568 1.60 0.83 47.90
N GLN A 569 1.22 0.53 46.65
CA GLN A 569 1.91 1.11 45.51
C GLN A 569 1.64 2.60 45.36
N TYR A 570 0.60 3.12 46.01
CA TYR A 570 0.27 4.53 45.99
C TYR A 570 0.49 5.19 47.35
N ASN A 571 1.37 4.61 48.16
CA ASN A 571 1.61 5.12 49.53
C ASN A 571 0.30 5.27 50.29
N ASN A 572 -0.65 4.40 50.00
CA ASN A 572 -1.93 4.36 50.70
C ASN A 572 -2.71 5.67 50.55
N TRP A 573 -2.57 6.32 49.40
CA TRP A 573 -3.28 7.56 49.11
C TRP A 573 -4.09 7.37 47.83
N ILE A 574 -5.42 7.41 47.95
CA ILE A 574 -6.26 7.45 46.76
C ILE A 574 -5.98 8.73 45.98
N ALA A 575 -5.59 9.80 46.68
CA ALA A 575 -5.35 11.08 46.01
C ALA A 575 -4.22 11.01 45.00
N TYR A 576 -3.35 10.01 45.09
CA TYR A 576 -2.28 9.86 44.11
C TYR A 576 -2.80 9.56 42.72
N VAL A 577 -4.01 9.01 42.60
CA VAL A 577 -4.54 8.56 41.31
C VAL A 577 -5.26 9.75 40.69
N THR A 578 -4.52 10.53 39.90
CA THR A 578 -5.07 11.69 39.21
C THR A 578 -5.10 11.53 37.70
N THR A 579 -4.73 10.37 37.18
CA THR A 579 -4.83 10.10 35.76
C THR A 579 -6.26 9.65 35.43
N ALA A 580 -6.86 10.28 34.43
CA ALA A 580 -8.26 10.01 34.11
C ALA A 580 -8.45 8.55 33.73
N GLY A 581 -9.60 8.01 34.13
CA GLY A 581 -9.90 6.61 33.87
C GLY A 581 -10.70 5.97 34.98
N GLU A 582 -11.01 4.69 34.84
CA GLU A 582 -11.77 3.95 35.85
C GLU A 582 -10.89 2.86 36.43
N TYR A 583 -10.86 2.78 37.76
CA TYR A 583 -10.08 1.78 38.48
C TYR A 583 -11.03 1.06 39.44
N TYR A 584 -10.52 0.02 40.09
CA TYR A 584 -11.28 -0.69 41.09
C TYR A 584 -10.46 -0.86 42.37
N ILE A 585 -11.10 -0.61 43.51
CA ILE A 585 -10.49 -0.79 44.82
C ILE A 585 -11.28 -1.88 45.54
N THR A 586 -10.60 -2.97 45.87
CA THR A 586 -11.24 -4.04 46.62
C THR A 586 -11.50 -3.60 48.06
N GLY A 587 -12.39 -4.32 48.74
CA GLY A 587 -12.64 -4.04 50.15
C GLY A 587 -11.37 -4.09 50.97
N ASN A 588 -10.52 -5.10 50.73
CA ASN A 588 -9.28 -5.22 51.48
C ASN A 588 -8.39 -4.00 51.27
N GLN A 589 -8.32 -3.48 50.05
CA GLN A 589 -7.46 -2.33 49.79
C GLN A 589 -8.08 -1.04 50.29
N MET A 590 -9.41 -0.91 50.23
CA MET A 590 -10.05 0.28 50.77
C MET A 590 -9.70 0.48 52.25
N GLU A 591 -9.64 -0.61 53.01
CA GLU A 591 -9.26 -0.51 54.42
C GLU A 591 -7.85 0.04 54.57
N LEU A 592 -6.98 -0.20 53.60
CA LEU A 592 -5.59 0.22 53.69
C LEU A 592 -5.35 1.63 53.17
N PHE A 593 -6.28 2.18 52.38
CA PHE A 593 -6.16 3.55 51.90
C PHE A 593 -6.50 4.52 53.02
N ARG A 594 -5.63 5.51 53.24
CA ARG A 594 -5.79 6.42 54.36
C ARG A 594 -6.98 7.36 54.15
N ASP A 595 -7.22 7.77 52.91
CA ASP A 595 -8.26 8.76 52.61
C ASP A 595 -9.53 8.12 52.08
N ALA A 596 -9.76 6.84 52.37
CA ALA A 596 -11.00 6.20 51.97
C ALA A 596 -12.18 6.81 52.74
N PRO A 597 -13.35 6.88 52.12
CA PRO A 597 -14.53 7.36 52.87
C PRO A 597 -14.93 6.36 53.95
N GLU A 598 -15.12 6.87 55.16
CA GLU A 598 -15.46 5.98 56.29
C GLU A 598 -16.71 5.17 55.99
N GLU A 599 -17.71 5.78 55.34
CA GLU A 599 -18.98 5.11 55.14
C GLU A 599 -18.81 3.80 54.37
N ILE A 600 -17.78 3.70 53.53
CA ILE A 600 -17.55 2.50 52.74
C ILE A 600 -16.11 2.02 52.96
N LYS A 601 -15.63 2.14 54.20
CA LYS A 601 -14.24 1.84 54.50
C LYS A 601 -13.90 0.38 54.24
N LYS A 602 -14.85 -0.53 54.41
CA LYS A 602 -14.58 -1.96 54.35
C LYS A 602 -15.14 -2.65 53.10
N VAL A 603 -15.57 -1.89 52.09
CA VAL A 603 -16.18 -2.48 50.91
C VAL A 603 -15.51 -1.88 49.68
N GLY A 604 -15.60 -2.62 48.57
CA GLY A 604 -14.98 -2.20 47.34
C GLY A 604 -15.77 -1.14 46.59
N ALA A 605 -15.09 -0.50 45.63
CA ALA A 605 -15.73 0.55 44.86
C ALA A 605 -14.92 0.82 43.60
N TRP A 606 -15.62 1.24 42.56
CA TRP A 606 -14.97 1.76 41.37
C TRP A 606 -14.51 3.19 41.62
N LEU A 607 -13.28 3.50 41.22
CA LEU A 607 -12.74 4.85 41.27
C LEU A 607 -12.72 5.42 39.85
N ARG A 608 -13.39 6.55 39.66
CA ARG A 608 -13.38 7.26 38.38
C ARG A 608 -12.73 8.62 38.56
N VAL A 609 -11.78 8.94 37.68
CA VAL A 609 -11.00 10.17 37.75
C VAL A 609 -11.28 10.98 36.50
N SER A 610 -11.68 12.24 36.67
CA SER A 610 -12.13 13.06 35.57
C SER A 610 -10.94 13.79 34.93
N SER A 611 -11.25 14.62 33.93
CA SER A 611 -10.25 15.51 33.37
C SER A 611 -10.07 16.73 34.27
N GLY A 612 -8.99 17.47 34.05
CA GLY A 612 -8.70 18.61 34.89
C GLY A 612 -9.68 19.76 34.68
N ASN A 613 -9.71 20.65 35.68
CA ASN A 613 -10.44 21.89 35.57
C ASN A 613 -9.43 23.04 35.34
N ALA A 614 -9.87 24.28 35.53
CA ALA A 614 -9.03 25.41 35.19
C ALA A 614 -7.86 25.58 36.15
N VAL A 615 -8.00 25.11 37.39
CA VAL A 615 -6.96 25.29 38.40
C VAL A 615 -6.15 24.02 38.62
N GLY A 616 -6.12 23.12 37.63
CA GLY A 616 -5.31 21.92 37.72
C GLY A 616 -5.85 20.85 38.63
N GLU A 617 -7.10 20.93 39.04
CA GLU A 617 -7.71 19.93 39.90
C GLU A 617 -8.50 18.93 39.08
N VAL A 618 -8.62 17.72 39.61
CA VAL A 618 -9.42 16.66 39.01
C VAL A 618 -10.38 16.15 40.08
N ARG A 619 -11.56 15.72 39.64
CA ARG A 619 -12.58 15.21 40.53
C ARG A 619 -12.52 13.68 40.54
N GLN A 620 -12.35 13.12 41.73
CA GLN A 620 -12.41 11.68 41.92
C GLN A 620 -13.81 11.29 42.36
N THR A 621 -14.30 10.18 41.81
CA THR A 621 -15.62 9.67 42.15
C THR A 621 -15.48 8.21 42.59
N LEU A 622 -16.11 7.87 43.70
CA LEU A 622 -16.12 6.49 44.21
C LEU A 622 -17.56 6.00 44.19
N GLU A 623 -17.79 4.88 43.50
CA GLU A 623 -19.09 4.25 43.43
C GLU A 623 -19.00 2.90 44.13
N ALA A 624 -19.70 2.76 45.25
CA ALA A 624 -19.60 1.56 46.06
C ALA A 624 -20.11 0.35 45.28
N ASN A 625 -19.37 -0.75 45.34
CA ASN A 625 -19.76 -1.99 44.67
C ASN A 625 -20.66 -2.80 45.60
N ILE A 626 -21.86 -2.26 45.82
CA ILE A 626 -22.87 -2.88 46.66
C ILE A 626 -24.23 -2.72 46.00
N SER A 627 -25.22 -3.42 46.55
CA SER A 627 -26.56 -3.46 45.98
C SER A 627 -27.39 -2.23 46.33
N GLU A 628 -26.82 -1.21 46.96
CA GLU A 628 -27.51 0.03 47.23
C GLU A 628 -26.67 1.20 46.73
N TYR A 629 -27.35 2.29 46.42
CA TYR A 629 -26.73 3.44 45.77
C TYR A 629 -25.90 4.22 46.80
N LYS A 630 -24.57 4.22 46.60
CA LYS A 630 -23.65 5.01 47.40
C LYS A 630 -22.54 5.51 46.51
N GLU A 631 -22.46 6.83 46.34
CA GLU A 631 -21.45 7.44 45.48
C GLU A 631 -20.91 8.70 46.12
N PHE A 632 -19.60 8.88 46.05
CA PHE A 632 -18.92 10.02 46.65
C PHE A 632 -18.04 10.70 45.61
N PHE A 633 -17.76 11.97 45.83
CA PHE A 633 -16.82 12.70 44.97
C PHE A 633 -15.98 13.64 45.82
N SER A 634 -14.81 14.00 45.28
CA SER A 634 -13.86 14.88 45.96
C SER A 634 -12.81 15.32 44.94
N ASN A 635 -12.45 16.60 44.99
CA ASN A 635 -11.47 17.16 44.08
C ASN A 635 -10.06 17.00 44.62
N VAL A 636 -9.11 16.74 43.72
CA VAL A 636 -7.71 16.57 44.06
C VAL A 636 -6.86 17.33 43.05
N ASN A 637 -5.84 18.03 43.53
CA ASN A 637 -4.92 18.71 42.65
C ASN A 637 -3.99 17.69 41.99
N ALA A 638 -3.95 17.70 40.66
CA ALA A 638 -3.30 16.63 39.92
C ALA A 638 -1.80 16.57 40.22
N GLU A 639 -1.17 17.72 40.42
CA GLU A 639 0.28 17.76 40.60
C GLU A 639 0.66 17.43 42.03
N THR A 640 0.14 18.18 43.00
CA THR A 640 0.56 18.04 44.39
C THR A 640 -0.22 16.96 45.13
N LYS A 641 -1.29 16.42 44.55
CA LYS A 641 -2.09 15.37 45.16
C LYS A 641 -2.80 15.85 46.43
N HIS A 642 -3.02 17.15 46.56
CA HIS A 642 -3.69 17.70 47.72
C HIS A 642 -5.20 17.64 47.53
N ARG A 643 -5.90 17.10 48.52
CA ARG A 643 -7.35 16.95 48.44
C ARG A 643 -8.02 18.23 48.90
N GLU A 644 -8.95 18.74 48.09
CA GLU A 644 -9.59 20.02 48.38
C GLU A 644 -10.60 19.90 49.52
N TYR A 645 -11.36 18.81 49.55
CA TYR A 645 -12.34 18.62 50.60
C TYR A 645 -12.66 17.13 50.71
N GLY A 646 -13.25 16.78 51.85
CA GLY A 646 -13.64 15.40 52.09
C GLY A 646 -14.67 14.92 51.08
N TRP A 647 -14.84 13.60 51.07
CA TRP A 647 -15.76 12.98 50.14
C TRP A 647 -17.19 13.48 50.38
N VAL A 648 -17.87 13.82 49.29
CA VAL A 648 -19.22 14.37 49.33
C VAL A 648 -20.17 13.31 48.80
N ALA A 649 -21.13 12.92 49.63
CA ALA A 649 -22.08 11.87 49.25
C ALA A 649 -23.14 12.42 48.30
N LYS A 650 -23.47 11.63 47.28
CA LYS A 650 -24.57 11.93 46.39
C LYS A 650 -25.87 11.28 46.84
N HIS A 651 -25.77 10.16 47.53
CA HIS A 651 -26.94 9.45 48.04
C HIS A 651 -27.49 10.12 49.30
#